data_9F7H
#
_entry.id   9F7H
#
_cell.length_a   37.957
_cell.length_b   43.907
_cell.length_c   56.190
_cell.angle_alpha   90.000
_cell.angle_beta   94.380
_cell.angle_gamma   90.000
#
_symmetry.space_group_name_H-M   'P 1 21 1'
#
loop_
_entity.id
_entity.type
_entity.pdbx_description
1 polymer 'Heterogeneous nuclear ribonucleoprotein A1, N-terminally processed'
2 non-polymer N-(2-phenylethyl)methanesulfonamide
3 water water
#
_entity_poly.entity_id   1
_entity_poly.type   'polypeptide(L)'
_entity_poly.pdbx_seq_one_letter_code
;GPMGSKSESPKEPEQLRKLFIGGLSFETTDESLRSHFEQWGTLTDCVVMRDPNTKRSRGFGFVTYATVEEVDAAMNARPH
KVDGRVVEPKRAVSREDSQRPGAHLTVKKIFVGGIKEDTEEHHLRDYFEQYGKIEVIEIMTDRGSGKKRGFAFVTFDDHD
SVDKIVIQKYHTVNGHNCEVRKALSKQEMASASSSQRG
;
_entity_poly.pdbx_strand_id   A
#
# COMPACT_ATOMS: atom_id res chain seq x y z
N PRO A 10 22.17 -4.81 -5.41
CA PRO A 10 21.06 -5.63 -5.92
C PRO A 10 19.71 -4.92 -5.76
N LYS A 11 19.04 -4.63 -6.87
CA LYS A 11 17.84 -3.82 -6.86
C LYS A 11 16.62 -4.64 -6.47
N GLU A 12 15.70 -3.98 -5.76
CA GLU A 12 14.40 -4.57 -5.49
C GLU A 12 13.68 -4.82 -6.82
N PRO A 13 12.85 -5.85 -6.90
CA PRO A 13 12.08 -6.08 -8.13
C PRO A 13 11.32 -4.83 -8.57
N GLU A 14 11.34 -4.59 -9.87
CA GLU A 14 10.77 -3.36 -10.43
C GLU A 14 9.30 -3.23 -10.08
N GLN A 15 8.56 -4.35 -10.05
CA GLN A 15 7.15 -4.30 -9.72
C GLN A 15 6.89 -3.64 -8.38
N LEU A 16 7.81 -3.80 -7.42
CA LEU A 16 7.64 -3.24 -6.08
C LEU A 16 8.08 -1.79 -6.01
N ARG A 17 8.57 -1.24 -7.10
CA ARG A 17 9.05 0.13 -7.15
C ARG A 17 8.12 1.03 -7.94
N LYS A 18 6.99 0.49 -8.41
CA LYS A 18 6.05 1.22 -9.26
C LYS A 18 4.93 1.82 -8.43
N LEU A 19 4.45 2.97 -8.87
CA LEU A 19 3.20 3.50 -8.36
C LEU A 19 2.28 3.75 -9.53
N PHE A 20 1.09 3.15 -9.48
N PHE A 20 1.05 3.30 -9.40
CA PHE A 20 0.05 3.49 -10.41
CA PHE A 20 0.02 3.43 -10.41
C PHE A 20 -0.57 4.78 -9.89
C PHE A 20 -0.84 4.63 -10.00
N ILE A 21 -0.78 5.72 -10.80
CA ILE A 21 -1.34 7.02 -10.45
C ILE A 21 -2.66 7.20 -11.19
N GLY A 22 -3.78 7.10 -10.47
CA GLY A 22 -5.08 7.32 -11.05
C GLY A 22 -5.57 8.76 -10.84
N GLY A 23 -6.63 9.09 -11.58
CA GLY A 23 -7.24 10.39 -11.40
C GLY A 23 -6.46 11.56 -11.96
N LEU A 24 -5.61 11.32 -12.95
CA LEU A 24 -4.80 12.41 -13.51
C LEU A 24 -5.67 13.44 -14.20
N SER A 25 -5.22 14.69 -14.14
CA SER A 25 -5.69 15.67 -15.09
C SER A 25 -5.35 15.20 -16.50
N PHE A 26 -6.29 15.41 -17.42
CA PHE A 26 -6.03 15.07 -18.81
C PHE A 26 -4.91 15.93 -19.39
N GLU A 27 -4.54 17.02 -18.73
CA GLU A 27 -3.43 17.87 -19.17
C GLU A 27 -2.06 17.39 -18.65
N THR A 28 -2.03 16.43 -17.73
CA THR A 28 -0.77 15.91 -17.24
C THR A 28 -0.03 15.14 -18.33
N THR A 29 1.27 15.39 -18.44
CA THR A 29 2.12 14.76 -19.44
C THR A 29 3.17 13.91 -18.73
N ASP A 30 3.89 13.11 -19.52
CA ASP A 30 5.03 12.37 -18.98
C ASP A 30 5.94 13.32 -18.23
N GLU A 31 6.19 14.48 -18.82
CA GLU A 31 7.12 15.44 -18.24
C GLU A 31 6.58 16.07 -16.95
N SER A 32 5.30 16.45 -16.93
CA SER A 32 4.79 17.07 -15.70
C SER A 32 4.58 16.05 -14.58
N LEU A 33 4.24 14.81 -14.94
CA LEU A 33 4.14 13.77 -13.92
C LEU A 33 5.52 13.50 -13.32
N ARG A 34 6.55 13.46 -14.17
CA ARG A 34 7.91 13.22 -13.71
C ARG A 34 8.39 14.37 -12.82
N SER A 35 8.19 15.62 -13.27
CA SER A 35 8.63 16.75 -12.46
C SER A 35 8.00 16.71 -11.08
N HIS A 36 6.74 16.29 -10.99
CA HIS A 36 6.09 16.21 -9.70
C HIS A 36 6.71 15.12 -8.84
N PHE A 37 6.73 13.88 -9.35
CA PHE A 37 7.10 12.76 -8.50
C PHE A 37 8.59 12.63 -8.27
N GLU A 38 9.42 13.32 -9.06
CA GLU A 38 10.84 13.34 -8.79
C GLU A 38 11.16 14.05 -7.49
N GLN A 39 10.22 14.78 -6.89
CA GLN A 39 10.49 15.35 -5.58
C GLN A 39 10.79 14.30 -4.52
N TRP A 40 10.34 13.05 -4.72
CA TRP A 40 10.49 12.03 -3.68
C TRP A 40 11.44 10.91 -4.06
N GLY A 41 12.11 10.99 -5.20
CA GLY A 41 13.13 10.01 -5.52
C GLY A 41 13.48 10.04 -6.99
N THR A 42 14.47 9.21 -7.33
CA THR A 42 14.89 9.04 -8.71
C THR A 42 13.85 8.21 -9.44
N LEU A 43 13.37 8.72 -10.57
CA LEU A 43 12.40 8.01 -11.40
C LEU A 43 13.09 7.35 -12.58
N THR A 44 13.04 6.03 -12.63
CA THR A 44 13.57 5.29 -13.76
C THR A 44 12.58 5.15 -14.90
N ASP A 45 11.29 5.46 -14.66
CA ASP A 45 10.26 5.43 -15.69
C ASP A 45 9.11 6.31 -15.22
N CYS A 46 8.39 6.88 -16.18
CA CYS A 46 7.25 7.75 -15.88
C CYS A 46 6.44 7.91 -17.15
N VAL A 47 5.21 7.40 -17.15
CA VAL A 47 4.38 7.34 -18.35
C VAL A 47 2.95 7.74 -18.02
N VAL A 48 2.36 8.60 -18.87
CA VAL A 48 0.92 8.86 -18.87
C VAL A 48 0.32 7.94 -19.93
N MET A 49 -0.68 7.15 -19.55
CA MET A 49 -1.41 6.34 -20.53
C MET A 49 -2.31 7.17 -21.40
N ARG A 50 -2.22 6.95 -22.71
CA ARG A 50 -3.00 7.71 -23.68
C ARG A 50 -3.70 6.75 -24.65
N ASP A 51 -4.78 7.25 -25.24
CA ASP A 51 -5.43 6.53 -26.31
C ASP A 51 -4.49 6.40 -27.51
N PRO A 52 -4.41 5.22 -28.14
CA PRO A 52 -3.47 5.05 -29.26
C PRO A 52 -3.83 5.84 -30.51
N ASN A 53 -5.09 6.23 -30.68
CA ASN A 53 -5.50 6.99 -31.87
C ASN A 53 -5.60 8.49 -31.62
N THR A 54 -6.26 8.90 -30.54
CA THR A 54 -6.49 10.32 -30.32
C THR A 54 -5.36 10.99 -29.54
N LYS A 55 -4.52 10.20 -28.86
CA LYS A 55 -3.51 10.69 -27.93
C LYS A 55 -4.09 11.36 -26.68
N ARG A 56 -5.41 11.32 -26.52
CA ARG A 56 -6.03 11.90 -25.34
C ARG A 56 -5.72 11.02 -24.14
N SER A 57 -5.37 11.68 -23.03
CA SER A 57 -5.05 10.96 -21.80
C SER A 57 -6.16 10.04 -21.37
N ARG A 58 -5.78 8.87 -20.88
CA ARG A 58 -6.71 7.96 -20.26
C ARG A 58 -6.92 8.30 -18.78
N GLY A 59 -6.25 9.32 -18.26
CA GLY A 59 -6.48 9.72 -16.89
C GLY A 59 -5.69 8.96 -15.86
N PHE A 60 -4.73 8.13 -16.26
CA PHE A 60 -3.89 7.44 -15.30
C PHE A 60 -2.53 7.22 -15.93
N GLY A 61 -1.57 6.89 -15.08
CA GLY A 61 -0.22 6.62 -15.53
C GLY A 61 0.52 5.89 -14.44
N PHE A 62 1.82 5.78 -14.60
N PHE A 62 1.84 5.83 -14.59
CA PHE A 62 2.61 5.12 -13.56
CA PHE A 62 2.64 5.09 -13.63
C PHE A 62 3.99 5.75 -13.53
C PHE A 62 4.00 5.76 -13.54
N VAL A 63 4.63 5.63 -12.38
CA VAL A 63 6.00 6.07 -12.17
C VAL A 63 6.74 4.90 -11.54
N THR A 64 8.02 4.80 -11.83
CA THR A 64 8.86 3.75 -11.24
C THR A 64 10.04 4.43 -10.57
N TYR A 65 10.18 4.21 -9.27
CA TYR A 65 11.29 4.75 -8.51
C TYR A 65 12.48 3.79 -8.52
N ALA A 66 13.65 4.31 -8.14
CA ALA A 66 14.85 3.48 -8.07
C ALA A 66 14.81 2.52 -6.90
N THR A 67 14.10 2.86 -5.82
CA THR A 67 14.08 2.04 -4.61
C THR A 67 12.70 2.05 -3.97
N VAL A 68 12.44 1.02 -3.17
CA VAL A 68 11.21 0.93 -2.39
C VAL A 68 11.09 2.07 -1.38
N GLU A 69 12.20 2.47 -0.75
CA GLU A 69 12.11 3.59 0.19
C GLU A 69 11.62 4.86 -0.49
N GLU A 70 11.94 5.04 -1.78
CA GLU A 70 11.41 6.19 -2.50
C GLU A 70 9.90 6.06 -2.73
N VAL A 71 9.41 4.85 -3.03
CA VAL A 71 7.97 4.64 -3.11
C VAL A 71 7.31 5.05 -1.80
N ASP A 72 7.87 4.58 -0.67
CA ASP A 72 7.35 4.93 0.65
C ASP A 72 7.32 6.44 0.83
N ALA A 73 8.39 7.13 0.44
CA ALA A 73 8.43 8.59 0.60
C ALA A 73 7.31 9.25 -0.20
N ALA A 74 7.09 8.78 -1.43
CA ALA A 74 6.01 9.34 -2.24
C ALA A 74 4.65 9.09 -1.60
N MET A 75 4.43 7.86 -1.13
CA MET A 75 3.15 7.56 -0.49
C MET A 75 2.96 8.39 0.78
N ASN A 76 4.05 8.64 1.52
CA ASN A 76 3.92 9.37 2.77
C ASN A 76 3.68 10.86 2.52
N ALA A 77 3.90 11.32 1.29
CA ALA A 77 3.68 12.71 0.91
C ALA A 77 2.28 12.94 0.33
N ARG A 78 1.43 11.93 0.29
CA ARG A 78 0.04 12.15 -0.09
C ARG A 78 -0.62 13.11 0.90
N PRO A 79 -1.67 13.83 0.48
CA PRO A 79 -2.26 13.82 -0.87
C PRO A 79 -1.39 14.55 -1.89
N HIS A 80 -1.34 14.02 -3.10
CA HIS A 80 -0.61 14.63 -4.20
C HIS A 80 -1.55 15.39 -5.10
N LYS A 81 -1.29 16.68 -5.28
CA LYS A 81 -2.03 17.50 -6.23
C LYS A 81 -1.11 17.72 -7.42
N VAL A 82 -1.44 17.09 -8.55
CA VAL A 82 -0.59 17.08 -9.73
C VAL A 82 -1.32 17.89 -10.80
N ASP A 83 -0.72 18.98 -11.26
CA ASP A 83 -1.33 19.82 -12.28
C ASP A 83 -2.74 20.24 -11.89
N GLY A 84 -2.92 20.52 -10.60
CA GLY A 84 -4.16 21.08 -10.08
C GLY A 84 -5.21 20.08 -9.65
N ARG A 85 -4.95 18.78 -9.76
CA ARG A 85 -5.92 17.75 -9.43
C ARG A 85 -5.32 16.79 -8.42
N VAL A 86 -6.09 16.41 -7.40
CA VAL A 86 -5.63 15.42 -6.43
C VAL A 86 -5.70 14.04 -7.06
N VAL A 87 -4.57 13.35 -7.12
CA VAL A 87 -4.48 12.07 -7.81
C VAL A 87 -4.51 10.93 -6.80
N GLU A 88 -4.51 9.70 -7.28
CA GLU A 88 -4.66 8.50 -6.44
C GLU A 88 -3.54 7.52 -6.71
N PRO A 89 -2.43 7.62 -5.97
CA PRO A 89 -1.33 6.68 -6.17
C PRO A 89 -1.58 5.40 -5.40
N LYS A 90 -1.22 4.28 -6.02
CA LYS A 90 -1.30 2.98 -5.36
C LYS A 90 -0.12 2.13 -5.82
N ARG A 91 0.37 1.33 -4.91
CA ARG A 91 1.42 0.40 -5.34
C ARG A 91 0.81 -0.73 -6.17
N ALA A 92 1.66 -1.49 -6.82
CA ALA A 92 1.20 -2.66 -7.60
C ALA A 92 0.82 -3.78 -6.64
N GLY A 102 -5.93 -8.53 -13.22
CA GLY A 102 -4.95 -7.86 -12.39
C GLY A 102 -5.36 -6.46 -11.98
N ALA A 103 -6.26 -6.36 -11.01
CA ALA A 103 -6.75 -5.10 -10.49
C ALA A 103 -6.44 -5.00 -8.99
N HIS A 104 -6.34 -3.76 -8.50
CA HIS A 104 -5.97 -3.53 -7.11
C HIS A 104 -7.18 -3.73 -6.22
N LEU A 105 -7.02 -4.56 -5.19
CA LEU A 105 -8.04 -4.76 -4.16
C LEU A 105 -7.71 -3.79 -3.02
N THR A 106 -8.35 -2.63 -3.02
CA THR A 106 -7.97 -1.53 -2.12
C THR A 106 -8.76 -1.65 -0.83
N VAL A 107 -8.10 -2.15 0.22
CA VAL A 107 -8.76 -2.34 1.51
C VAL A 107 -7.87 -1.81 2.62
N LYS A 108 -8.47 -1.59 3.78
CA LYS A 108 -7.78 -1.03 4.94
C LYS A 108 -7.63 -2.05 6.06
N LYS A 109 -8.01 -3.31 5.84
CA LYS A 109 -8.08 -4.29 6.91
C LYS A 109 -7.32 -5.54 6.50
N ILE A 110 -6.63 -6.14 7.47
CA ILE A 110 -5.90 -7.39 7.27
C ILE A 110 -6.40 -8.45 8.23
N PHE A 111 -6.35 -9.68 7.75
CA PHE A 111 -6.42 -10.89 8.56
C PHE A 111 -5.00 -11.26 8.98
N VAL A 112 -4.83 -11.59 10.25
CA VAL A 112 -3.56 -12.04 10.81
C VAL A 112 -3.80 -13.40 11.44
N GLY A 113 -3.25 -14.45 10.83
CA GLY A 113 -3.44 -15.80 11.32
C GLY A 113 -2.18 -16.40 11.89
N GLY A 114 -2.33 -17.41 12.74
CA GLY A 114 -1.19 -18.10 13.31
C GLY A 114 -0.67 -17.52 14.59
N ILE A 115 -1.45 -16.67 15.28
CA ILE A 115 -0.97 -15.98 16.47
C ILE A 115 -1.22 -16.78 17.75
N LYS A 116 -1.92 -17.91 17.65
CA LYS A 116 -2.12 -18.82 18.79
C LYS A 116 -2.90 -18.16 19.91
N GLU A 117 -2.81 -18.69 21.13
CA GLU A 117 -3.60 -18.16 22.23
C GLU A 117 -2.86 -17.14 23.08
N ASP A 118 -1.56 -16.96 22.89
CA ASP A 118 -0.77 -16.09 23.77
C ASP A 118 -0.54 -14.70 23.20
N THR A 119 -0.98 -14.41 21.98
CA THR A 119 -0.75 -13.12 21.36
C THR A 119 -1.85 -12.14 21.79
N GLU A 120 -1.45 -10.96 22.25
CA GLU A 120 -2.33 -9.94 22.80
C GLU A 120 -2.35 -8.73 21.89
N GLU A 121 -3.23 -7.77 22.25
CA GLU A 121 -3.41 -6.57 21.45
C GLU A 121 -2.10 -5.81 21.28
N HIS A 122 -1.34 -5.66 22.37
CA HIS A 122 -0.14 -4.84 22.30
C HIS A 122 0.92 -5.45 21.38
N HIS A 123 0.96 -6.78 21.29
CA HIS A 123 1.88 -7.44 20.36
C HIS A 123 1.57 -7.01 18.93
N LEU A 124 0.29 -7.04 18.57
CA LEU A 124 -0.12 -6.67 17.22
C LEU A 124 0.07 -5.18 16.99
N ARG A 125 -0.28 -4.35 17.97
CA ARG A 125 -0.13 -2.91 17.82
C ARG A 125 1.33 -2.53 17.65
N ASP A 126 2.20 -3.03 18.52
CA ASP A 126 3.60 -2.64 18.48
C ASP A 126 4.23 -3.01 17.14
N TYR A 127 3.83 -4.14 16.57
CA TYR A 127 4.37 -4.55 15.29
C TYR A 127 3.76 -3.76 14.14
N PHE A 128 2.43 -3.74 14.06
CA PHE A 128 1.78 -3.19 12.86
C PHE A 128 1.76 -1.67 12.82
N GLU A 129 1.95 -0.99 13.95
CA GLU A 129 1.87 0.46 13.94
C GLU A 129 2.96 1.08 13.08
N GLN A 130 4.03 0.34 12.80
CA GLN A 130 5.07 0.88 11.92
C GLN A 130 4.73 0.77 10.45
N TYR A 131 3.62 0.11 10.10
CA TYR A 131 3.12 0.09 8.74
C TYR A 131 2.08 1.17 8.46
N GLY A 132 1.38 1.64 9.48
CA GLY A 132 0.38 2.65 9.29
C GLY A 132 -0.34 2.90 10.59
N LYS A 133 -1.27 3.85 10.53
CA LYS A 133 -2.02 4.25 11.71
C LYS A 133 -3.16 3.25 11.94
N ILE A 134 -3.15 2.61 13.10
CA ILE A 134 -4.14 1.58 13.40
C ILE A 134 -5.38 2.22 13.99
N GLU A 135 -6.56 1.80 13.49
CA GLU A 135 -7.83 2.22 14.07
C GLU A 135 -8.51 1.14 14.90
N VAL A 136 -8.42 -0.13 14.51
CA VAL A 136 -9.09 -1.21 15.21
C VAL A 136 -8.19 -2.42 15.25
N ILE A 137 -8.09 -3.06 16.41
CA ILE A 137 -7.50 -4.38 16.52
C ILE A 137 -8.55 -5.31 17.12
N GLU A 138 -8.84 -6.39 16.41
CA GLU A 138 -9.86 -7.34 16.85
C GLU A 138 -9.21 -8.72 16.99
N ILE A 139 -8.94 -9.12 18.23
CA ILE A 139 -8.44 -10.47 18.51
C ILE A 139 -9.65 -11.40 18.61
N MET A 140 -9.71 -12.39 17.74
CA MET A 140 -10.88 -13.25 17.67
C MET A 140 -10.93 -14.28 18.79
N THR A 141 -12.12 -14.39 19.40
CA THR A 141 -12.37 -15.33 20.47
C THR A 141 -13.57 -16.20 20.12
N ASP A 142 -13.61 -17.38 20.73
CA ASP A 142 -14.68 -18.31 20.47
C ASP A 142 -15.99 -17.81 21.06
N ARG A 143 -17.05 -17.87 20.23
CA ARG A 143 -18.37 -17.38 20.62
C ARG A 143 -18.93 -18.10 21.83
N GLY A 144 -18.57 -19.37 22.00
CA GLY A 144 -19.09 -20.15 23.11
C GLY A 144 -18.25 -20.09 24.37
N SER A 145 -16.93 -20.19 24.26
CA SER A 145 -16.03 -20.33 25.41
C SER A 145 -15.26 -19.07 25.74
N GLY A 146 -15.18 -18.12 24.80
CA GLY A 146 -14.32 -16.96 24.98
C GLY A 146 -12.84 -17.21 24.78
N LYS A 147 -12.42 -18.42 24.44
CA LYS A 147 -11.01 -18.71 24.27
C LYS A 147 -10.52 -18.08 22.97
N LYS A 148 -9.25 -17.70 22.96
CA LYS A 148 -8.71 -17.08 21.75
C LYS A 148 -8.62 -18.11 20.64
N ARG A 149 -8.95 -17.69 19.42
CA ARG A 149 -8.99 -18.61 18.30
C ARG A 149 -7.72 -18.64 17.48
N GLY A 150 -6.77 -17.76 17.79
CA GLY A 150 -5.51 -17.76 17.06
C GLY A 150 -5.47 -16.90 15.82
N PHE A 151 -6.39 -15.95 15.67
CA PHE A 151 -6.30 -15.00 14.56
C PHE A 151 -6.93 -13.67 14.98
N ALA A 152 -6.66 -12.65 14.17
CA ALA A 152 -7.05 -11.29 14.49
C ALA A 152 -7.25 -10.51 13.20
N PHE A 153 -7.93 -9.37 13.33
CA PHE A 153 -8.04 -8.40 12.24
C PHE A 153 -7.51 -7.06 12.70
N VAL A 154 -6.77 -6.40 11.82
CA VAL A 154 -6.26 -5.07 12.10
C VAL A 154 -6.77 -4.15 11.01
N THR A 155 -7.37 -3.04 11.41
CA THR A 155 -7.88 -2.03 10.49
C THR A 155 -7.05 -0.77 10.62
N PHE A 156 -6.54 -0.29 9.48
CA PHE A 156 -5.75 0.93 9.40
C PHE A 156 -6.59 2.07 8.85
N ASP A 157 -6.04 3.28 8.93
CA ASP A 157 -6.74 4.43 8.37
C ASP A 157 -6.54 4.60 6.87
N ASP A 158 -5.78 3.71 6.22
CA ASP A 158 -5.43 3.93 4.83
C ASP A 158 -4.91 2.63 4.24
N HIS A 159 -5.12 2.48 2.94
CA HIS A 159 -4.83 1.22 2.27
C HIS A 159 -3.35 0.96 2.08
N ASP A 160 -2.49 1.98 2.06
CA ASP A 160 -1.09 1.72 1.73
C ASP A 160 -0.42 0.87 2.80
N SER A 161 -0.83 1.02 4.06
N SER A 161 -0.83 1.01 4.06
CA SER A 161 -0.34 0.15 5.13
CA SER A 161 -0.33 0.15 5.13
C SER A 161 -0.54 -1.31 4.75
C SER A 161 -0.55 -1.31 4.80
N VAL A 162 -1.77 -1.65 4.37
CA VAL A 162 -2.09 -3.03 3.99
C VAL A 162 -1.26 -3.47 2.80
N ASP A 163 -1.14 -2.59 1.80
CA ASP A 163 -0.36 -2.94 0.61
C ASP A 163 1.08 -3.26 0.96
N LYS A 164 1.70 -2.47 1.83
CA LYS A 164 3.07 -2.78 2.27
C LYS A 164 3.14 -4.10 3.01
N ILE A 165 2.13 -4.37 3.83
CA ILE A 165 2.14 -5.56 4.68
C ILE A 165 2.08 -6.82 3.83
N VAL A 166 1.12 -6.88 2.89
CA VAL A 166 0.86 -8.14 2.20
C VAL A 166 1.93 -8.51 1.19
N ILE A 167 2.81 -7.59 0.80
CA ILE A 167 3.88 -7.94 -0.13
C ILE A 167 5.12 -8.48 0.59
N GLN A 168 5.21 -8.37 1.91
CA GLN A 168 6.31 -8.98 2.63
C GLN A 168 6.17 -10.50 2.59
N LYS A 169 7.32 -11.19 2.45
CA LYS A 169 7.30 -12.65 2.52
C LYS A 169 6.97 -13.18 3.90
N TYR A 170 7.36 -12.46 4.96
CA TYR A 170 7.32 -12.94 6.34
C TYR A 170 6.77 -11.89 7.28
N HIS A 171 6.02 -12.33 8.28
CA HIS A 171 5.65 -11.49 9.41
C HIS A 171 5.84 -12.29 10.68
N THR A 172 6.67 -11.77 11.59
CA THR A 172 6.95 -12.40 12.88
C THR A 172 6.36 -11.51 13.96
N VAL A 173 5.36 -12.04 14.67
CA VAL A 173 4.66 -11.31 15.73
C VAL A 173 4.59 -12.22 16.95
N ASN A 174 5.13 -11.75 18.07
CA ASN A 174 5.12 -12.52 19.31
C ASN A 174 5.76 -13.88 19.12
N GLY A 175 6.83 -13.92 18.33
CA GLY A 175 7.55 -15.14 18.04
C GLY A 175 6.88 -16.08 17.05
N HIS A 176 5.69 -15.75 16.57
CA HIS A 176 4.95 -16.62 15.65
C HIS A 176 5.18 -16.16 14.22
N ASN A 177 5.36 -17.13 13.33
CA ASN A 177 5.35 -16.90 11.89
C ASN A 177 3.90 -16.77 11.45
N CYS A 178 3.49 -15.56 11.09
CA CYS A 178 2.07 -15.27 10.86
C CYS A 178 1.73 -15.29 9.37
N GLU A 179 0.49 -15.66 9.08
CA GLU A 179 -0.10 -15.55 7.76
C GLU A 179 -0.94 -14.28 7.72
N VAL A 180 -0.66 -13.39 6.77
CA VAL A 180 -1.33 -12.10 6.73
C VAL A 180 -1.93 -11.92 5.34
N ARG A 181 -3.21 -11.57 5.29
CA ARG A 181 -3.90 -11.39 4.02
C ARG A 181 -4.82 -10.18 4.10
N LYS A 182 -5.15 -9.64 2.93
CA LYS A 182 -6.18 -8.61 2.85
C LYS A 182 -7.52 -9.18 3.30
N ALA A 183 -8.29 -8.38 4.05
CA ALA A 183 -9.58 -8.80 4.57
C ALA A 183 -10.67 -7.91 4.00
N LEU A 184 -11.76 -8.53 3.56
CA LEU A 184 -12.86 -7.80 2.90
C LEU A 184 -14.07 -7.62 3.80
#